data_3BGX
#
_entry.id   3BGX
#
_cell.length_a   72.030
_cell.length_b   72.030
_cell.length_c   115.460
_cell.angle_alpha   90.00
_cell.angle_beta   90.00
_cell.angle_gamma   120.00
#
_symmetry.space_group_name_H-M   'P 31 2 1'
#
loop_
_entity.id
_entity.type
_entity.pdbx_description
1 polymer 'Thymidylate synthase'
2 non-polymer 'SULFATE ION'
3 non-polymer "THYMIDINE-5'-PHOSPHATE"
4 non-polymer 'N-({4-[(6aR)-3-amino-1-oxo-1,2,5,6,6a,7-hexahydroimidazo[1,5-f]pteridin-8(9H)-yl]phenyl}carbonyl)-L-glutamic acid'
5 water water
#
_entity_poly.entity_id   1
_entity_poly.type   'polypeptide(L)'
_entity_poly.pdbx_seq_one_letter_code
;(CXM)KQYLELMQKVLDEGTQKNDRTGTGTLSIFGHQMRFNLQDGFPLVTTKRCHLRSIIHELLWFLQGDTNIAYLHENN
VTIWDEWADENGDLGPVYGKQWRAWPTPDGRHIDQITTVLNQLKNDPDSRRIIVSAWNVGELDKMALAPSHAFFQFYVAD
GKLSCQLYQRSCDVFLGLPFNIASYALLVHMMAQQCDLEVGDFVWTGGDTHLYSNHMDQTHLQLSREPRPLPKLIIKRKP
ESIFDYRFEDFEIEGYDPHPGIKAPVAI
;
_entity_poly.pdbx_strand_id   A
#
# COMPACT_ATOMS: atom_id res chain seq x y z
N LYS A 2 13.15 -8.04 -8.70
CA LYS A 2 12.97 -9.09 -9.70
C LYS A 2 11.47 -9.36 -9.99
N GLN A 3 10.69 -9.64 -8.94
CA GLN A 3 9.24 -9.93 -9.08
C GLN A 3 8.54 -8.75 -9.80
N TYR A 4 8.91 -7.52 -9.42
CA TYR A 4 8.32 -6.33 -10.00
C TYR A 4 8.62 -6.15 -11.52
N LEU A 5 9.90 -6.31 -11.92
CA LEU A 5 10.23 -6.19 -13.32
C LEU A 5 9.60 -7.30 -14.16
N GLU A 6 9.54 -8.51 -13.60
CA GLU A 6 8.83 -9.62 -14.26
C GLU A 6 7.38 -9.29 -14.54
N LEU A 7 6.69 -8.66 -13.59
CA LEU A 7 5.30 -8.19 -13.81
C LEU A 7 5.18 -7.14 -14.92
N MET A 8 6.06 -6.13 -14.88
CA MET A 8 6.13 -5.14 -15.95
C MET A 8 6.25 -5.77 -17.35
N GLN A 9 7.22 -6.67 -17.49
CA GLN A 9 7.40 -7.42 -18.73
C GLN A 9 6.16 -8.21 -19.16
N LYS A 10 5.58 -8.97 -18.23
CA LYS A 10 4.37 -9.72 -18.49
C LYS A 10 3.25 -8.82 -18.98
N VAL A 11 3.06 -7.64 -18.36
CA VAL A 11 2.01 -6.73 -18.84
C VAL A 11 2.32 -6.26 -20.28
N LEU A 12 3.59 -6.01 -20.58
CA LEU A 12 3.97 -5.61 -21.95
C LEU A 12 3.70 -6.71 -22.95
N ASP A 13 4.08 -7.94 -22.64
CA ASP A 13 3.97 -9.09 -23.55
C ASP A 13 2.55 -9.68 -23.67
N GLU A 14 1.80 -9.70 -22.57
CA GLU A 14 0.46 -10.31 -22.52
C GLU A 14 -0.70 -9.36 -22.34
N GLY A 15 -0.46 -8.07 -22.10
CA GLY A 15 -1.53 -7.14 -21.80
C GLY A 15 -2.37 -6.90 -23.04
N THR A 16 -3.65 -6.68 -22.85
CA THR A 16 -4.52 -6.23 -23.95
C THR A 16 -4.84 -4.74 -23.77
N GLN A 17 -5.09 -4.08 -24.90
CA GLN A 17 -5.41 -2.65 -24.93
C GLN A 17 -6.81 -2.50 -24.43
N LYS A 18 -7.02 -1.51 -23.58
CA LYS A 18 -8.26 -1.35 -22.87
C LYS A 18 -8.41 0.13 -22.64
N ASN A 19 -9.60 0.67 -22.91
CA ASN A 19 -9.92 2.02 -22.49
C ASN A 19 -10.12 2.02 -20.97
N ASP A 20 -10.17 3.20 -20.37
CA ASP A 20 -10.32 3.30 -18.93
C ASP A 20 -10.99 4.61 -18.51
N ARG A 21 -11.53 4.60 -17.28
CA ARG A 21 -12.18 5.74 -16.61
C ARG A 21 -11.50 7.07 -16.94
N THR A 22 -10.17 7.11 -16.86
CA THR A 22 -9.44 8.38 -17.06
C THR A 22 -9.27 8.81 -18.53
N GLY A 23 -9.65 8.01 -19.50
CA GLY A 23 -9.50 8.36 -20.90
C GLY A 23 -8.09 8.23 -21.42
N THR A 24 -7.15 7.78 -20.58
CA THR A 24 -5.76 7.63 -20.99
C THR A 24 -5.49 6.41 -21.85
N GLY A 25 -6.12 5.26 -21.52
CA GLY A 25 -5.81 4.00 -22.22
C GLY A 25 -4.72 3.25 -21.49
N THR A 26 -4.89 1.94 -21.41
CA THR A 26 -3.97 1.05 -20.70
C THR A 26 -3.69 -0.22 -21.46
N LEU A 27 -2.63 -0.87 -21.05
CA LEU A 27 -2.38 -2.26 -21.33
C LEU A 27 -2.66 -3.00 -20.02
N SER A 28 -3.50 -4.04 -20.07
CA SER A 28 -4.07 -4.65 -18.87
C SER A 28 -4.03 -6.15 -18.87
N ILE A 29 -3.58 -6.76 -17.78
CA ILE A 29 -3.90 -8.18 -17.51
C ILE A 29 -4.85 -8.28 -16.29
N PHE A 30 -5.44 -9.46 -16.09
CA PHE A 30 -6.36 -9.69 -14.96
C PHE A 30 -5.91 -10.87 -14.16
N GLY A 31 -5.51 -10.61 -12.91
CA GLY A 31 -5.15 -11.66 -12.01
C GLY A 31 -3.69 -11.99 -12.01
N HIS A 32 -3.03 -11.68 -10.90
CA HIS A 32 -1.63 -11.96 -10.82
C HIS A 32 -1.33 -12.02 -9.33
N GLN A 33 -0.30 -12.75 -8.98
CA GLN A 33 0.10 -12.87 -7.57
C GLN A 33 1.57 -12.92 -7.45
N MET A 34 2.09 -12.32 -6.38
CA MET A 34 3.50 -12.47 -6.11
C MET A 34 3.75 -12.40 -4.63
N ARG A 35 4.91 -12.86 -4.22
CA ARG A 35 5.17 -13.05 -2.79
C ARG A 35 6.53 -12.50 -2.44
N PHE A 36 6.61 -11.82 -1.30
CA PHE A 36 7.84 -11.22 -0.82
C PHE A 36 8.12 -11.78 0.55
N ASN A 37 9.25 -12.40 0.73
CA ASN A 37 9.61 -12.90 2.06
C ASN A 37 10.31 -11.77 2.75
N LEU A 38 9.66 -11.20 3.74
CA LEU A 38 10.13 -9.97 4.38
C LEU A 38 11.44 -10.10 5.15
N GLN A 39 11.85 -11.34 5.37
CA GLN A 39 13.13 -11.62 6.01
C GLN A 39 14.30 -11.47 5.04
N ASP A 40 14.02 -11.46 3.73
CA ASP A 40 15.07 -11.30 2.73
C ASP A 40 15.40 -9.84 2.54
N GLY A 41 14.55 -8.96 3.04
CA GLY A 41 14.79 -7.52 2.89
C GLY A 41 13.50 -6.73 2.69
N PHE A 42 13.58 -5.41 2.81
CA PHE A 42 12.43 -4.56 2.71
C PHE A 42 12.17 -4.32 1.21
N PRO A 43 10.98 -4.72 0.74
CA PRO A 43 10.72 -4.70 -0.71
C PRO A 43 10.39 -3.31 -1.24
N LEU A 44 11.43 -2.48 -1.35
CA LEU A 44 11.35 -1.13 -1.88
C LEU A 44 12.07 -1.21 -3.23
N VAL A 45 11.37 -0.87 -4.31
CA VAL A 45 11.94 -0.84 -5.64
C VAL A 45 13.25 -0.04 -5.68
N THR A 46 14.27 -0.66 -6.29
CA THR A 46 15.61 -0.05 -6.47
C THR A 46 15.93 0.39 -7.88
N THR A 47 15.13 -0.07 -8.87
CA THR A 47 15.37 0.36 -10.24
C THR A 47 14.82 1.74 -10.56
N LYS A 48 14.16 2.37 -9.58
CA LYS A 48 13.94 3.79 -9.61
C LYS A 48 13.85 4.33 -8.18
N ARG A 49 14.23 5.59 -7.97
CA ARG A 49 14.16 6.11 -6.61
C ARG A 49 12.72 6.39 -6.22
N CYS A 50 12.31 5.79 -5.11
CA CYS A 50 10.98 6.00 -4.53
C CYS A 50 10.98 7.01 -3.39
N HIS A 51 9.98 7.89 -3.35
CA HIS A 51 9.91 8.92 -2.27
C HIS A 51 9.37 8.30 -0.96
N LEU A 52 10.29 7.90 -0.08
CA LEU A 52 9.95 7.30 1.18
C LEU A 52 9.13 8.20 2.06
N ARG A 53 9.38 9.49 2.00
CA ARG A 53 8.61 10.43 2.80
C ARG A 53 7.09 10.31 2.55
N SER A 54 6.70 10.23 1.27
CA SER A 54 5.29 10.11 0.91
C SER A 54 4.72 8.76 1.33
N ILE A 55 5.50 7.70 1.16
CA ILE A 55 5.02 6.38 1.54
C ILE A 55 4.71 6.30 3.03
N ILE A 56 5.68 6.67 3.86
CA ILE A 56 5.51 6.53 5.28
C ILE A 56 4.38 7.41 5.81
N HIS A 57 4.35 8.70 5.45
CA HIS A 57 3.26 9.60 5.89
C HIS A 57 1.86 9.19 5.45
N GLU A 58 1.71 8.61 4.26
CA GLU A 58 0.39 8.14 3.82
C GLU A 58 -0.07 7.04 4.76
N LEU A 59 0.84 6.13 5.13
CA LEU A 59 0.45 5.04 6.03
C LEU A 59 0.04 5.56 7.40
N LEU A 60 0.82 6.52 7.93
CA LEU A 60 0.54 7.06 9.27
C LEU A 60 -0.78 7.82 9.26
N TRP A 61 -1.05 8.47 8.14
CA TRP A 61 -2.33 9.12 7.87
C TRP A 61 -3.51 8.12 7.87
N PHE A 62 -3.42 7.01 7.12
CA PHE A 62 -4.48 5.97 7.17
C PHE A 62 -4.76 5.51 8.61
N LEU A 63 -3.67 5.30 9.36
CA LEU A 63 -3.78 4.76 10.72
C LEU A 63 -4.41 5.70 11.72
N GLN A 64 -4.37 7.02 11.49
N GLN A 64 -4.32 7.02 11.45
CA GLN A 64 -5.08 7.94 12.37
CA GLN A 64 -5.03 8.07 12.21
C GLN A 64 -6.55 8.13 11.97
C GLN A 64 -6.54 8.07 11.99
N GLY A 65 -6.97 7.55 10.85
CA GLY A 65 -8.36 7.60 10.45
C GLY A 65 -8.73 8.86 9.72
N ASP A 66 -7.73 9.57 9.19
CA ASP A 66 -7.88 10.87 8.57
C ASP A 66 -8.17 10.71 7.09
N THR A 67 -9.09 11.49 6.56
CA THR A 67 -9.36 11.49 5.10
C THR A 67 -9.22 12.90 4.49
N ASN A 68 -8.66 13.81 5.28
CA ASN A 68 -8.44 15.16 4.82
C ASN A 68 -6.97 15.33 4.55
N ILE A 69 -6.63 16.09 3.53
CA ILE A 69 -5.22 16.12 3.10
C ILE A 69 -4.36 17.09 3.89
N ALA A 70 -4.92 17.79 4.89
CA ALA A 70 -4.15 18.77 5.69
C ALA A 70 -2.92 18.16 6.33
N TYR A 71 -3.06 16.99 6.95
CA TYR A 71 -1.92 16.30 7.56
C TYR A 71 -0.78 16.00 6.56
N LEU A 72 -1.13 15.61 5.34
CA LEU A 72 -0.16 15.37 4.28
C LEU A 72 0.56 16.67 3.84
N HIS A 73 -0.19 17.76 3.67
CA HIS A 73 0.43 19.07 3.37
C HIS A 73 1.33 19.59 4.48
N GLU A 74 0.91 19.45 5.73
CA GLU A 74 1.74 19.78 6.90
C GLU A 74 3.12 19.15 6.73
N ASN A 75 3.16 17.99 6.08
CA ASN A 75 4.37 17.18 5.95
C ASN A 75 4.92 17.13 4.54
N ASN A 76 4.54 18.12 3.75
CA ASN A 76 4.96 18.26 2.36
C ASN A 76 4.74 17.03 1.47
N VAL A 77 3.58 16.38 1.62
CA VAL A 77 3.21 15.27 0.78
C VAL A 77 1.98 15.69 -0.04
N THR A 78 2.08 15.53 -1.35
CA THR A 78 1.10 16.09 -2.25
C THR A 78 0.46 15.05 -3.16
N ILE A 79 0.64 13.78 -2.82
CA ILE A 79 0.20 12.67 -3.68
C ILE A 79 -1.30 12.48 -3.84
N TRP A 80 -2.11 13.13 -2.97
CA TRP A 80 -3.58 13.02 -2.97
C TRP A 80 -4.30 14.34 -3.41
N ASP A 81 -3.56 15.37 -3.86
CA ASP A 81 -4.16 16.67 -4.11
C ASP A 81 -5.15 16.65 -5.28
N GLU A 82 -4.92 15.84 -6.29
CA GLU A 82 -5.79 15.94 -7.48
C GLU A 82 -7.22 15.50 -7.23
N TRP A 83 -7.47 14.75 -6.16
CA TRP A 83 -8.81 14.18 -5.95
C TRP A 83 -9.56 14.82 -4.79
N ALA A 84 -8.89 15.72 -4.08
CA ALA A 84 -9.50 16.38 -2.91
C ALA A 84 -10.39 17.54 -3.38
N ASP A 85 -11.47 17.79 -2.63
CA ASP A 85 -12.36 18.94 -2.92
C ASP A 85 -11.79 20.21 -2.32
N GLU A 86 -12.52 21.32 -2.42
CA GLU A 86 -12.00 22.65 -2.04
C GLU A 86 -11.56 22.76 -0.55
N ASN A 87 -12.16 21.94 0.32
CA ASN A 87 -11.75 21.91 1.74
C ASN A 87 -10.68 20.88 2.07
N GLY A 88 -10.15 20.18 1.05
CA GLY A 88 -9.12 19.18 1.24
C GLY A 88 -9.64 17.78 1.61
N ASP A 89 -10.94 17.56 1.41
CA ASP A 89 -11.60 16.31 1.78
C ASP A 89 -11.65 15.30 0.62
N LEU A 90 -11.45 14.03 0.99
CA LEU A 90 -11.54 12.94 0.03
C LEU A 90 -12.81 12.09 0.22
N GLY A 91 -13.60 12.37 1.25
CA GLY A 91 -14.71 11.48 1.65
C GLY A 91 -14.17 10.31 2.45
N PRO A 92 -15.05 9.34 2.78
CA PRO A 92 -14.68 8.30 3.74
C PRO A 92 -13.85 7.18 3.09
N VAL A 93 -12.69 7.54 2.56
CA VAL A 93 -11.75 6.61 1.98
C VAL A 93 -11.00 5.85 3.12
N TYR A 94 -9.97 5.11 2.71
CA TYR A 94 -9.18 4.17 3.48
C TYR A 94 -9.19 4.35 4.98
N GLY A 95 -8.67 5.47 5.43
CA GLY A 95 -8.46 5.66 6.87
C GLY A 95 -9.77 5.61 7.65
N LYS A 96 -10.84 6.20 7.09
CA LYS A 96 -12.13 6.23 7.77
C LYS A 96 -12.67 4.81 7.96
N GLN A 97 -12.59 3.98 6.89
CA GLN A 97 -13.06 2.60 6.93
C GLN A 97 -12.23 1.76 7.85
N TRP A 98 -10.93 1.97 7.85
CA TRP A 98 -10.05 1.21 8.76
C TRP A 98 -10.36 1.49 10.23
N ARG A 99 -10.59 2.74 10.57
CA ARG A 99 -10.65 3.14 11.99
C ARG A 99 -12.08 3.32 12.54
N ALA A 100 -13.08 3.49 11.68
CA ALA A 100 -14.41 3.93 12.10
C ALA A 100 -15.44 3.58 11.02
N TRP A 101 -15.48 2.32 10.63
CA TRP A 101 -16.48 1.82 9.67
C TRP A 101 -17.88 1.96 10.30
N PRO A 102 -18.76 2.74 9.64
CA PRO A 102 -20.08 3.02 10.21
C PRO A 102 -21.07 1.89 9.99
N THR A 103 -21.79 1.52 11.03
CA THR A 103 -22.71 0.39 10.89
C THR A 103 -24.12 0.91 10.60
N PRO A 104 -25.02 0.02 10.11
CA PRO A 104 -26.42 0.42 9.93
C PRO A 104 -27.07 0.96 11.24
N ASP A 105 -26.78 0.32 12.38
CA ASP A 105 -27.37 0.73 13.67
C ASP A 105 -26.61 1.81 14.49
N GLY A 106 -25.77 2.60 13.83
CA GLY A 106 -25.17 3.79 14.48
C GLY A 106 -23.81 3.67 15.17
N ARG A 107 -23.17 2.49 15.17
CA ARG A 107 -21.82 2.34 15.77
C ARG A 107 -20.69 2.62 14.75
N HIS A 108 -19.46 2.64 15.24
CA HIS A 108 -18.29 2.72 14.35
C HIS A 108 -17.34 1.64 14.76
N ILE A 109 -16.87 0.85 13.79
CA ILE A 109 -16.00 -0.26 14.11
C ILE A 109 -14.56 0.07 13.74
N ASP A 110 -13.67 -0.06 14.71
CA ASP A 110 -12.29 0.19 14.52
C ASP A 110 -11.69 -1.17 14.13
N GLN A 111 -11.50 -1.42 12.82
CA GLN A 111 -10.97 -2.69 12.34
C GLN A 111 -9.54 -2.93 12.76
N ILE A 112 -8.75 -1.89 12.92
CA ILE A 112 -7.34 -2.05 13.31
C ILE A 112 -7.20 -2.56 14.76
N THR A 113 -7.99 -2.02 15.67
CA THR A 113 -7.99 -2.47 17.07
C THR A 113 -8.55 -3.88 17.14
N THR A 114 -9.52 -4.22 16.29
CA THR A 114 -10.03 -5.59 16.28
C THR A 114 -8.94 -6.58 15.86
N VAL A 115 -8.18 -6.24 14.82
CA VAL A 115 -7.10 -7.09 14.31
C VAL A 115 -6.04 -7.31 15.41
N LEU A 116 -5.68 -6.25 16.08
CA LEU A 116 -4.73 -6.33 17.22
C LEU A 116 -5.22 -7.31 18.27
N ASN A 117 -6.50 -7.21 18.67
CA ASN A 117 -7.11 -8.14 19.62
C ASN A 117 -7.10 -9.59 19.13
N GLN A 118 -7.48 -9.83 17.85
CA GLN A 118 -7.38 -11.13 17.27
C GLN A 118 -5.96 -11.71 17.25
N LEU A 119 -4.96 -10.93 16.88
CA LEU A 119 -3.64 -11.46 16.75
C LEU A 119 -3.04 -11.79 18.13
N LYS A 120 -3.47 -11.06 19.14
CA LYS A 120 -2.96 -11.29 20.53
C LYS A 120 -3.72 -12.39 21.29
N ASN A 121 -4.94 -12.73 20.86
CA ASN A 121 -5.83 -13.69 21.55
C ASN A 121 -6.28 -14.90 20.73
N ASP A 122 -6.29 -14.75 19.40
CA ASP A 122 -6.74 -15.84 18.52
C ASP A 122 -5.91 -15.88 17.23
N PRO A 123 -4.59 -16.03 17.38
CA PRO A 123 -3.69 -15.90 16.23
C PRO A 123 -3.94 -16.91 15.11
N ASP A 124 -4.58 -18.04 15.42
CA ASP A 124 -4.86 -19.03 14.40
C ASP A 124 -6.12 -18.71 13.58
N SER A 125 -6.81 -17.62 13.94
CA SER A 125 -8.05 -17.27 13.31
C SER A 125 -7.87 -17.08 11.82
N ARG A 126 -8.88 -17.50 11.06
CA ARG A 126 -8.87 -17.33 9.64
C ARG A 126 -9.67 -16.16 9.18
N ARG A 127 -10.07 -15.30 10.14
CA ARG A 127 -10.94 -14.15 9.92
C ARG A 127 -10.28 -12.84 10.27
N ILE A 128 -8.94 -12.78 10.17
CA ILE A 128 -8.23 -11.57 10.56
C ILE A 128 -8.08 -10.68 9.37
N ILE A 129 -9.08 -9.84 9.17
CA ILE A 129 -9.34 -9.15 7.93
C ILE A 129 -9.64 -7.68 8.15
N VAL A 130 -9.12 -6.83 7.27
CA VAL A 130 -9.53 -5.41 7.23
C VAL A 130 -10.09 -5.15 5.82
N SER A 131 -11.24 -4.57 5.74
CA SER A 131 -11.80 -4.17 4.44
C SER A 131 -12.07 -2.66 4.36
N ALA A 132 -11.66 -2.07 3.25
CA ALA A 132 -12.02 -0.71 2.95
C ALA A 132 -13.27 -0.69 2.03
N TRP A 133 -13.70 -1.82 1.50
CA TRP A 133 -14.79 -1.77 0.53
C TRP A 133 -16.14 -1.74 1.22
N ASN A 134 -16.53 -0.54 1.66
CA ASN A 134 -17.81 -0.32 2.35
C ASN A 134 -18.83 0.10 1.29
N VAL A 135 -19.60 -0.86 0.86
CA VAL A 135 -20.54 -0.67 -0.28
C VAL A 135 -21.47 0.54 -0.03
N GLY A 136 -21.87 0.78 1.21
CA GLY A 136 -22.82 1.82 1.53
C GLY A 136 -22.27 3.23 1.47
N GLU A 137 -20.94 3.37 1.42
CA GLU A 137 -20.29 4.66 1.35
C GLU A 137 -19.50 4.88 0.05
N LEU A 138 -19.48 3.91 -0.87
CA LEU A 138 -18.71 4.07 -2.12
C LEU A 138 -19.04 5.38 -2.83
N ASP A 139 -20.30 5.79 -2.79
CA ASP A 139 -20.68 6.94 -3.61
C ASP A 139 -20.23 8.28 -3.02
N LYS A 140 -19.70 8.27 -1.80
CA LYS A 140 -19.14 9.47 -1.18
C LYS A 140 -17.63 9.58 -1.30
N MET A 141 -16.98 8.53 -1.81
CA MET A 141 -15.52 8.48 -1.91
C MET A 141 -15.00 9.10 -3.19
N ALA A 142 -13.92 9.89 -3.09
CA ALA A 142 -13.30 10.54 -4.30
C ALA A 142 -12.80 9.50 -5.29
N LEU A 143 -12.28 8.40 -4.76
CA LEU A 143 -11.89 7.25 -5.57
C LEU A 143 -12.34 6.03 -4.80
N ALA A 144 -12.91 5.06 -5.51
CA ALA A 144 -13.12 3.72 -4.94
C ALA A 144 -11.77 3.11 -4.44
N PRO A 145 -11.79 2.41 -3.29
CA PRO A 145 -10.54 1.83 -2.78
C PRO A 145 -9.88 0.85 -3.76
N SER A 146 -8.60 1.07 -4.00
CA SER A 146 -7.77 0.23 -4.86
C SER A 146 -7.21 -0.92 -4.09
N HIS A 147 -6.44 -0.64 -3.05
CA HIS A 147 -6.03 -1.68 -2.13
C HIS A 147 -7.18 -1.89 -1.17
N ALA A 148 -7.97 -2.92 -1.42
CA ALA A 148 -9.34 -2.93 -0.90
C ALA A 148 -9.53 -3.84 0.28
N PHE A 149 -8.72 -4.90 0.39
CA PHE A 149 -9.09 -5.99 1.27
C PHE A 149 -7.83 -6.67 1.65
N PHE A 150 -7.59 -6.82 2.96
CA PHE A 150 -6.39 -7.53 3.38
C PHE A 150 -6.53 -8.44 4.60
N GLN A 151 -5.74 -9.52 4.59
CA GLN A 151 -5.85 -10.60 5.57
C GLN A 151 -4.49 -10.87 6.23
N PHE A 152 -4.50 -11.03 7.55
CA PHE A 152 -3.30 -11.47 8.28
C PHE A 152 -3.37 -12.98 8.55
N TYR A 153 -2.21 -13.59 8.75
CA TYR A 153 -2.10 -14.99 8.97
C TYR A 153 -0.88 -15.18 9.88
N VAL A 154 -1.00 -16.05 10.87
CA VAL A 154 0.13 -16.39 11.76
C VAL A 154 0.44 -17.89 11.66
N ALA A 155 1.71 -18.22 11.43
CA ALA A 155 2.21 -19.61 11.43
C ALA A 155 3.64 -19.62 11.92
N ASP A 156 3.93 -20.50 12.87
CA ASP A 156 5.31 -20.74 13.29
C ASP A 156 5.97 -19.45 13.79
N GLY A 157 5.22 -18.64 14.53
CA GLY A 157 5.75 -17.39 15.04
C GLY A 157 6.00 -16.23 14.09
N LYS A 158 5.47 -16.30 12.86
CA LYS A 158 5.72 -15.32 11.81
C LYS A 158 4.38 -14.77 11.35
N LEU A 159 4.32 -13.45 11.13
CA LEU A 159 3.14 -12.76 10.63
C LEU A 159 3.23 -12.54 9.13
N SER A 160 2.23 -13.01 8.43
CA SER A 160 2.09 -12.75 6.97
C SER A 160 0.84 -11.93 6.67
N CYS A 161 0.78 -11.36 5.46
CA CYS A 161 -0.37 -10.61 5.08
C CYS A 161 -0.58 -10.76 3.58
N GLN A 162 -1.83 -10.80 3.18
CA GLN A 162 -2.15 -10.82 1.73
C GLN A 162 -3.06 -9.64 1.46
N LEU A 163 -2.73 -8.85 0.43
CA LEU A 163 -3.56 -7.78 0.00
C LEU A 163 -4.25 -8.18 -1.30
N TYR A 164 -5.55 -7.97 -1.40
CA TYR A 164 -6.25 -7.91 -2.73
C TYR A 164 -6.40 -6.45 -3.22
N GLN A 165 -5.69 -6.15 -4.32
CA GLN A 165 -5.74 -4.86 -4.97
C GLN A 165 -6.51 -5.02 -6.31
N ARG A 166 -7.69 -4.46 -6.36
CA ARG A 166 -8.62 -4.65 -7.51
C ARG A 166 -8.16 -3.95 -8.77
N SER A 167 -7.31 -2.94 -8.59
CA SER A 167 -6.86 -2.07 -9.66
C SER A 167 -5.47 -1.55 -9.28
N CYS A 168 -4.54 -1.69 -10.19
CA CYS A 168 -3.14 -1.46 -9.90
C CYS A 168 -2.45 -0.75 -11.06
N ASP A 169 -2.07 0.50 -10.83
CA ASP A 169 -1.22 1.27 -11.74
C ASP A 169 0.18 0.75 -11.49
N VAL A 170 0.67 -0.06 -12.43
CA VAL A 170 1.90 -0.82 -12.20
C VAL A 170 3.13 0.08 -12.00
N PHE A 171 3.21 1.16 -12.77
CA PHE A 171 4.36 2.05 -12.73
C PHE A 171 4.42 2.98 -11.51
N LEU A 172 3.33 3.67 -11.28
CA LEU A 172 3.28 4.68 -10.25
C LEU A 172 2.83 4.21 -8.88
N GLY A 173 1.76 3.42 -8.88
CA GLY A 173 1.10 2.98 -7.67
C GLY A 173 1.76 1.81 -7.00
N LEU A 174 2.01 0.75 -7.76
CA LEU A 174 2.47 -0.47 -7.13
C LEU A 174 3.72 -0.36 -6.24
N PRO A 175 4.78 0.35 -6.68
CA PRO A 175 5.93 0.44 -5.76
C PRO A 175 5.58 1.03 -4.39
N PHE A 176 4.66 2.01 -4.35
CA PHE A 176 4.21 2.60 -3.09
C PHE A 176 3.38 1.59 -2.31
N ASN A 177 2.45 0.93 -2.99
CA ASN A 177 1.57 -0.02 -2.33
C ASN A 177 2.31 -1.20 -1.67
N ILE A 178 3.33 -1.78 -2.35
CA ILE A 178 4.10 -2.89 -1.79
C ILE A 178 4.83 -2.42 -0.52
N ALA A 179 5.48 -1.29 -0.60
CA ALA A 179 6.29 -0.76 0.54
C ALA A 179 5.37 -0.38 1.73
N SER A 180 4.21 0.18 1.40
CA SER A 180 3.26 0.62 2.39
C SER A 180 2.79 -0.56 3.25
N TYR A 181 2.36 -1.63 2.60
CA TYR A 181 1.84 -2.80 3.32
C TYR A 181 2.96 -3.57 4.04
N ALA A 182 4.14 -3.63 3.44
CA ALA A 182 5.31 -4.23 4.10
C ALA A 182 5.66 -3.54 5.41
N LEU A 183 5.66 -2.21 5.39
CA LEU A 183 5.80 -1.40 6.59
C LEU A 183 4.76 -1.76 7.70
N LEU A 184 3.51 -1.84 7.29
CA LEU A 184 2.41 -2.24 8.21
C LEU A 184 2.62 -3.61 8.83
N VAL A 185 3.13 -4.58 8.03
CA VAL A 185 3.39 -5.90 8.53
C VAL A 185 4.49 -5.81 9.61
N HIS A 186 5.52 -5.02 9.34
CA HIS A 186 6.61 -4.83 10.34
C HIS A 186 6.10 -4.18 11.60
N MET A 187 5.21 -3.19 11.49
CA MET A 187 4.61 -2.53 12.67
C MET A 187 3.73 -3.46 13.48
N MET A 188 2.81 -4.12 12.79
CA MET A 188 1.98 -5.13 13.44
C MET A 188 2.77 -6.23 14.18
N ALA A 189 3.83 -6.76 13.56
CA ALA A 189 4.61 -7.86 14.08
C ALA A 189 5.35 -7.36 15.35
N GLN A 190 5.87 -6.14 15.28
CA GLN A 190 6.56 -5.53 16.42
C GLN A 190 5.57 -5.40 17.59
N GLN A 191 4.34 -4.95 17.33
CA GLN A 191 3.35 -4.75 18.39
C GLN A 191 2.86 -6.06 19.00
N CYS A 192 2.92 -7.14 18.23
CA CYS A 192 2.46 -8.46 18.65
C CYS A 192 3.56 -9.41 19.02
N ASP A 193 4.80 -8.99 19.01
CA ASP A 193 5.94 -9.85 19.33
C ASP A 193 6.11 -11.03 18.35
N LEU A 194 5.87 -10.80 17.06
CA LEU A 194 6.04 -11.85 16.06
C LEU A 194 7.18 -11.49 15.16
N GLU A 195 7.73 -12.46 14.44
CA GLU A 195 8.70 -12.21 13.42
C GLU A 195 7.85 -11.94 12.14
N VAL A 196 8.47 -11.30 11.17
CA VAL A 196 7.79 -11.04 9.88
C VAL A 196 7.89 -12.25 8.99
N GLY A 197 6.88 -12.47 8.16
CA GLY A 197 6.89 -13.55 7.28
C GLY A 197 6.75 -13.02 5.88
N ASP A 198 5.64 -13.37 5.23
CA ASP A 198 5.47 -13.10 3.79
C ASP A 198 4.49 -11.98 3.57
N PHE A 199 4.74 -11.14 2.56
CA PHE A 199 3.71 -10.25 2.06
C PHE A 199 3.29 -10.84 0.71
N VAL A 200 2.02 -11.11 0.55
CA VAL A 200 1.51 -11.70 -0.70
C VAL A 200 0.65 -10.66 -1.37
N TRP A 201 1.04 -10.27 -2.58
CA TRP A 201 0.31 -9.28 -3.31
C TRP A 201 -0.55 -9.98 -4.38
N THR A 202 -1.84 -9.65 -4.42
CA THR A 202 -2.76 -10.14 -5.46
C THR A 202 -3.45 -8.99 -6.17
N GLY A 203 -3.50 -9.06 -7.50
CA GLY A 203 -4.11 -7.97 -8.26
C GLY A 203 -5.26 -8.42 -9.16
N GLY A 204 -6.22 -7.53 -9.33
CA GLY A 204 -7.33 -7.69 -10.28
C GLY A 204 -6.87 -7.09 -11.57
N ASP A 205 -7.39 -5.93 -11.94
CA ASP A 205 -6.98 -5.26 -13.19
C ASP A 205 -5.63 -4.59 -13.00
N THR A 206 -4.60 -5.24 -13.56
CA THR A 206 -3.21 -4.83 -13.33
C THR A 206 -2.66 -4.29 -14.63
N HIS A 207 -2.35 -3.01 -14.63
CA HIS A 207 -2.15 -2.29 -15.89
C HIS A 207 -1.01 -1.27 -15.93
N LEU A 208 -0.57 -1.02 -17.17
CA LEU A 208 0.34 0.06 -17.51
C LEU A 208 -0.44 1.10 -18.28
N TYR A 209 -0.37 2.35 -17.82
CA TYR A 209 -0.94 3.44 -18.61
C TYR A 209 -0.12 3.65 -19.88
N SER A 210 -0.82 4.06 -20.96
CA SER A 210 -0.21 4.14 -22.29
C SER A 210 0.84 5.27 -22.38
N ASN A 211 0.71 6.28 -21.54
CA ASN A 211 1.70 7.33 -21.42
C ASN A 211 2.73 7.03 -20.30
N HIS A 212 2.97 5.76 -20.00
CA HIS A 212 4.07 5.33 -19.12
C HIS A 212 5.02 4.40 -19.87
N MET A 213 4.85 4.30 -21.19
CA MET A 213 5.55 3.29 -21.97
C MET A 213 7.07 3.52 -22.06
N ASP A 214 7.49 4.76 -22.35
CA ASP A 214 8.92 5.07 -22.42
C ASP A 214 9.62 4.88 -21.05
N GLN A 215 8.91 5.20 -20.00
CA GLN A 215 9.45 5.15 -18.63
C GLN A 215 9.56 3.72 -18.23
N THR A 216 8.64 2.91 -18.75
CA THR A 216 8.67 1.47 -18.47
C THR A 216 9.87 0.78 -19.14
N HIS A 217 10.09 1.08 -20.41
CA HIS A 217 11.26 0.56 -21.15
C HIS A 217 12.56 0.99 -20.49
N LEU A 218 12.64 2.23 -20.04
CA LEU A 218 13.85 2.70 -19.38
C LEU A 218 14.14 1.86 -18.13
N GLN A 219 13.14 1.73 -17.28
CA GLN A 219 13.29 0.99 -16.05
C GLN A 219 13.64 -0.47 -16.27
N LEU A 220 13.06 -1.11 -17.29
CA LEU A 220 13.36 -2.52 -17.58
C LEU A 220 14.80 -2.73 -18.08
N SER A 221 15.48 -1.67 -18.50
CA SER A 221 16.90 -1.79 -18.87
C SER A 221 17.85 -1.81 -17.68
N ARG A 222 17.36 -1.62 -16.45
CA ARG A 222 18.22 -1.44 -15.29
C ARG A 222 18.27 -2.70 -14.44
N GLU A 223 19.39 -2.91 -13.74
CA GLU A 223 19.54 -4.10 -12.91
C GLU A 223 19.19 -3.78 -11.46
N PRO A 224 18.32 -4.61 -10.85
CA PRO A 224 17.98 -4.44 -9.45
C PRO A 224 19.20 -4.47 -8.55
N ARG A 225 19.14 -3.70 -7.50
CA ARG A 225 20.22 -3.70 -6.53
C ARG A 225 19.76 -4.43 -5.28
N PRO A 226 20.67 -4.67 -4.32
CA PRO A 226 20.29 -5.32 -3.09
C PRO A 226 19.18 -4.56 -2.37
N LEU A 227 18.29 -5.31 -1.74
CA LEU A 227 17.18 -4.75 -0.98
C LEU A 227 17.73 -4.08 0.28
N PRO A 228 17.16 -2.91 0.66
CA PRO A 228 17.53 -2.30 1.90
C PRO A 228 16.96 -3.07 3.10
N LYS A 229 17.39 -2.70 4.30
CA LYS A 229 16.86 -3.26 5.54
C LYS A 229 16.02 -2.21 6.27
N LEU A 230 14.91 -2.62 6.86
CA LEU A 230 14.10 -1.67 7.65
C LEU A 230 14.45 -1.81 9.12
N ILE A 231 14.80 -0.70 9.77
CA ILE A 231 15.01 -0.72 11.22
C ILE A 231 13.93 0.12 11.87
N ILE A 232 13.23 -0.43 12.85
CA ILE A 232 12.32 0.36 13.69
C ILE A 232 13.09 0.64 15.00
N LYS A 233 13.27 1.91 15.32
CA LYS A 233 14.16 2.31 16.43
C LYS A 233 13.56 2.25 17.83
N ARG A 234 12.25 2.17 17.93
CA ARG A 234 11.56 2.39 19.18
C ARG A 234 10.38 1.46 19.10
N LYS A 235 9.94 0.91 20.23
CA LYS A 235 8.64 0.25 20.31
C LYS A 235 7.63 1.19 20.93
N PRO A 236 6.74 1.78 20.14
CA PRO A 236 5.75 2.67 20.73
C PRO A 236 4.74 1.88 21.53
N GLU A 237 3.96 2.55 22.36
CA GLU A 237 2.99 1.89 23.22
C GLU A 237 1.83 1.31 22.45
N SER A 238 1.61 1.80 21.24
CA SER A 238 0.57 1.26 20.42
C SER A 238 0.84 1.52 18.94
N ILE A 239 0.13 0.76 18.11
CA ILE A 239 0.21 0.90 16.66
C ILE A 239 -0.15 2.28 16.17
N PHE A 240 -0.83 3.08 16.99
CA PHE A 240 -1.24 4.44 16.59
C PHE A 240 -0.25 5.52 17.00
N ASP A 241 0.88 5.12 17.56
CA ASP A 241 1.82 6.05 18.14
C ASP A 241 3.18 6.03 17.45
N TYR A 242 3.23 5.56 16.21
CA TYR A 242 4.48 5.63 15.45
C TYR A 242 4.65 7.04 14.90
N ARG A 243 5.90 7.36 14.66
CA ARG A 243 6.29 8.66 14.14
C ARG A 243 7.26 8.43 12.98
N PHE A 244 7.31 9.39 12.06
CA PHE A 244 8.21 9.32 10.92
C PHE A 244 9.62 8.97 11.34
N GLU A 245 10.07 9.58 12.45
N GLU A 245 10.09 9.51 12.46
CA GLU A 245 11.44 9.43 12.97
CA GLU A 245 11.50 9.37 12.81
C GLU A 245 11.82 8.00 13.32
C GLU A 245 11.77 8.11 13.63
N ASP A 246 10.82 7.18 13.63
CA ASP A 246 11.02 5.85 14.15
C ASP A 246 11.57 4.84 13.15
N PHE A 247 11.51 5.16 11.86
CA PHE A 247 11.87 4.25 10.80
C PHE A 247 13.20 4.64 10.22
N GLU A 248 14.07 3.65 10.01
CA GLU A 248 15.32 3.81 9.29
C GLU A 248 15.34 2.82 8.16
N ILE A 249 15.63 3.26 6.96
CA ILE A 249 15.84 2.37 5.84
C ILE A 249 17.33 2.44 5.54
N GLU A 250 18.03 1.36 5.82
CA GLU A 250 19.49 1.30 5.72
C GLU A 250 19.92 0.59 4.43
N GLY A 251 20.85 1.21 3.70
CA GLY A 251 21.43 0.58 2.51
C GLY A 251 20.51 0.65 1.29
N TYR A 252 19.75 1.73 1.20
CA TYR A 252 18.91 1.99 0.01
C TYR A 252 19.69 2.85 -0.99
N ASP A 253 20.05 2.27 -2.13
CA ASP A 253 20.89 2.95 -3.09
C ASP A 253 20.32 2.73 -4.49
N PRO A 254 19.23 3.42 -4.78
CA PRO A 254 18.53 3.21 -6.01
C PRO A 254 19.11 3.87 -7.26
N HIS A 255 18.64 3.43 -8.40
CA HIS A 255 18.82 4.11 -9.65
C HIS A 255 18.03 5.37 -9.61
N PRO A 256 18.36 6.30 -10.50
CA PRO A 256 17.62 7.56 -10.43
C PRO A 256 16.09 7.42 -10.62
N GLY A 257 15.36 8.42 -10.13
CA GLY A 257 13.91 8.46 -10.24
C GLY A 257 13.49 8.73 -11.67
N ILE A 258 12.30 8.26 -12.03
CA ILE A 258 11.73 8.49 -13.37
C ILE A 258 10.38 9.16 -13.20
N LYS A 259 10.22 10.33 -13.79
CA LYS A 259 8.98 11.06 -13.66
C LYS A 259 7.94 10.52 -14.66
N ALA A 260 6.68 10.55 -14.26
CA ALA A 260 5.61 10.14 -15.17
C ALA A 260 4.31 10.79 -14.74
N PRO A 261 3.41 11.06 -15.69
CA PRO A 261 2.17 11.73 -15.38
C PRO A 261 1.17 10.79 -14.69
N VAL A 262 0.44 11.31 -13.70
CA VAL A 262 -0.61 10.55 -13.04
C VAL A 262 -1.94 10.75 -13.78
N ALA A 263 -2.67 9.65 -13.97
CA ALA A 263 -3.94 9.65 -14.68
C ALA A 263 -5.00 10.00 -13.66
N ILE A 264 -5.74 11.08 -13.89
CA ILE A 264 -6.68 11.57 -12.90
C ILE A 264 -8.09 11.05 -13.09
#